data_5I4Z
#
_entry.id   5I4Z
#
_cell.length_a   65.700
_cell.length_b   65.700
_cell.length_c   149.500
_cell.angle_alpha   90.00
_cell.angle_beta   90.00
_cell.angle_gamma   90.00
#
_symmetry.space_group_name_H-M   'P 41 2 2'
#
loop_
_entity.id
_entity.type
_entity.pdbx_description
1 polymer 'Myc proto-oncogene protein'
2 non-polymer GLYCEROL
3 non-polymer 'CHLORIDE ION'
4 non-polymer 'POTASSIUM ION'
5 water water
#
_entity_poly.entity_id   1
_entity_poly.type   'polypeptide(L)'
_entity_poly.pdbx_seq_one_letter_code
;MKHHHHHHPMSDYDIPTTENLYFQGAMATEENVKRRTHNVLERQRRNELKRSFFALRDQIPELENNEKAPKVVILKKATA
YILSVQAETQKLISEIDLLRKQNEQLKHKLEQLRNSCA
;
_entity_poly.pdbx_strand_id   A,B
#
# COMPACT_ATOMS: atom_id res chain seq x y z
N ARG A 45 9.56 18.90 24.78
CA ARG A 45 10.08 17.69 25.41
C ARG A 45 10.94 16.86 24.46
N ARG A 46 12.20 16.67 24.82
CA ARG A 46 13.08 15.79 24.05
C ARG A 46 12.85 14.31 24.44
N ASN A 47 12.16 14.10 25.57
CA ASN A 47 11.67 12.77 25.94
C ASN A 47 10.68 12.27 24.88
N GLU A 48 9.73 13.13 24.50
CA GLU A 48 8.77 12.79 23.43
C GLU A 48 9.45 12.60 22.11
N LEU A 49 10.47 13.40 21.83
CA LEU A 49 11.15 13.22 20.55
C LEU A 49 11.83 11.85 20.47
N LYS A 50 12.50 11.44 21.52
CA LYS A 50 13.16 10.13 21.52
C LYS A 50 12.14 9.00 21.35
N ARG A 51 11.06 9.06 22.11
CA ARG A 51 9.99 8.05 22.04
C ARG A 51 9.44 7.99 20.65
N SER A 52 9.31 9.15 19.99
CA SER A 52 8.75 9.22 18.65
C SER A 52 9.67 8.61 17.61
N PHE A 53 10.98 8.77 17.77
CA PHE A 53 11.93 8.09 16.90
C PHE A 53 11.77 6.57 17.02
N PHE A 54 11.67 6.08 18.25
CA PHE A 54 11.58 4.64 18.49
C PHE A 54 10.27 4.08 17.98
N ALA A 55 9.18 4.83 18.16
CA ALA A 55 7.88 4.35 17.66
C ALA A 55 7.87 4.26 16.14
N LEU A 56 8.59 5.16 15.46
CA LEU A 56 8.66 5.09 14.01
C LEU A 56 9.49 3.87 13.60
N ARG A 57 10.64 3.71 14.24
CA ARG A 57 11.50 2.54 14.07
C ARG A 57 10.69 1.24 14.17
N ASP A 58 9.82 1.18 15.17
CA ASP A 58 9.04 -0.02 15.44
C ASP A 58 8.11 -0.38 14.26
N GLN A 59 7.83 0.56 13.37
CA GLN A 59 6.91 0.28 12.26
C GLN A 59 7.65 -0.03 10.98
N ILE A 60 8.97 0.06 11.00
CA ILE A 60 9.80 -0.20 9.82
CA ILE A 60 9.79 -0.19 9.81
C ILE A 60 10.30 -1.64 9.83
N PRO A 61 9.78 -2.48 8.91
CA PRO A 61 10.19 -3.90 8.91
C PRO A 61 11.71 -4.13 8.87
N GLU A 62 12.46 -3.34 8.09
CA GLU A 62 13.90 -3.62 7.97
C GLU A 62 14.73 -3.15 9.18
N LEU A 63 14.11 -2.50 10.16
CA LEU A 63 14.82 -2.17 11.40
C LEU A 63 14.36 -3.05 12.57
N GLU A 64 15.32 -3.79 13.13
CA GLU A 64 15.06 -4.69 14.26
C GLU A 64 14.69 -3.85 15.49
N ASN A 65 13.55 -4.16 16.09
CA ASN A 65 13.04 -3.33 17.20
C ASN A 65 13.92 -3.41 18.44
N ASN A 66 14.75 -4.45 18.51
CA ASN A 66 15.67 -4.66 19.62
C ASN A 66 17.04 -4.00 19.40
N GLU A 67 17.16 -3.21 18.32
CA GLU A 67 18.43 -2.59 17.96
C GLU A 67 18.29 -1.06 17.90
N LYS A 68 19.31 -0.38 18.42
CA LYS A 68 19.36 1.09 18.46
C LYS A 68 19.86 1.68 17.14
N ALA A 69 18.92 2.01 16.29
CA ALA A 69 19.19 2.59 14.99
C ALA A 69 19.45 4.09 15.11
N PRO A 70 20.51 4.59 14.44
CA PRO A 70 20.72 6.04 14.41
C PRO A 70 19.54 6.81 13.82
N LYS A 71 19.40 8.08 14.21
CA LYS A 71 18.31 8.91 13.75
C LYS A 71 18.17 8.95 12.22
N VAL A 72 19.28 9.19 11.51
CA VAL A 72 19.24 9.33 10.07
C VAL A 72 18.88 8.00 9.42
N VAL A 73 19.29 6.91 10.02
CA VAL A 73 18.94 5.58 9.53
C VAL A 73 17.41 5.33 9.66
N ILE A 74 16.83 5.70 10.79
CA ILE A 74 15.39 5.57 10.96
C ILE A 74 14.63 6.43 9.92
N LEU A 75 15.09 7.66 9.73
CA LEU A 75 14.41 8.57 8.81
C LEU A 75 14.48 8.02 7.40
N LYS A 76 15.67 7.63 6.96
CA LYS A 76 15.85 7.20 5.60
C LYS A 76 15.12 5.87 5.32
N LYS A 77 15.18 4.92 6.26
CA LYS A 77 14.43 3.68 6.08
C LYS A 77 12.92 3.91 6.09
N ALA A 78 12.43 4.86 6.90
CA ALA A 78 11.01 5.18 6.90
C ALA A 78 10.60 5.76 5.55
N THR A 79 11.43 6.65 5.00
CA THR A 79 11.12 7.27 3.72
C THR A 79 11.05 6.20 2.63
N ALA A 80 12.05 5.33 2.66
CA ALA A 80 12.15 4.22 1.69
C ALA A 80 10.94 3.31 1.79
N TYR A 81 10.55 3.00 3.03
CA TYR A 81 9.39 2.14 3.23
C TYR A 81 8.08 2.74 2.70
N ILE A 82 7.87 4.03 2.94
CA ILE A 82 6.71 4.69 2.42
C ILE A 82 6.71 4.70 0.90
N LEU A 83 7.85 5.00 0.27
CA LEU A 83 7.89 5.00 -1.19
C LEU A 83 7.64 3.61 -1.75
N SER A 84 8.21 2.62 -1.08
CA SER A 84 8.09 1.25 -1.52
C SER A 84 6.65 0.79 -1.45
N VAL A 85 6.00 1.09 -0.32
CA VAL A 85 4.57 0.78 -0.17
C VAL A 85 3.70 1.49 -1.21
N GLN A 86 3.99 2.75 -1.52
CA GLN A 86 3.20 3.45 -2.52
CA GLN A 86 3.22 3.47 -2.53
C GLN A 86 3.35 2.79 -3.88
N ALA A 87 4.55 2.34 -4.22
CA ALA A 87 4.75 1.63 -5.48
C ALA A 87 3.95 0.32 -5.50
N GLU A 88 3.98 -0.44 -4.40
CA GLU A 88 3.23 -1.69 -4.30
C GLU A 88 1.75 -1.43 -4.36
N THR A 89 1.29 -0.34 -3.77
CA THR A 89 -0.12 0.04 -3.91
C THR A 89 -0.53 0.21 -5.37
N GLN A 90 0.33 0.84 -6.15
CA GLN A 90 0.05 1.03 -7.56
C GLN A 90 0.02 -0.31 -8.26
N LYS A 91 0.91 -1.22 -7.87
CA LYS A 91 0.88 -2.55 -8.46
C LYS A 91 -0.39 -3.33 -8.08
N LEU A 92 -0.84 -3.23 -6.82
CA LEU A 92 -2.09 -3.86 -6.42
C LEU A 92 -3.27 -3.27 -7.19
N ILE A 93 -3.30 -1.95 -7.40
CA ILE A 93 -4.37 -1.34 -8.17
C ILE A 93 -4.38 -1.88 -9.61
N SER A 94 -3.20 -2.09 -10.20
CA SER A 94 -3.13 -2.62 -11.55
CA SER A 94 -3.13 -2.62 -11.55
C SER A 94 -3.63 -4.06 -11.60
N GLU A 95 -3.33 -4.84 -10.57
CA GLU A 95 -3.83 -6.20 -10.51
C GLU A 95 -5.34 -6.22 -10.44
N ILE A 96 -5.91 -5.31 -9.66
CA ILE A 96 -7.36 -5.21 -9.50
C ILE A 96 -7.98 -4.84 -10.84
N ASP A 97 -7.36 -3.91 -11.55
CA ASP A 97 -7.92 -3.44 -12.83
C ASP A 97 -7.90 -4.58 -13.85
N LEU A 98 -6.84 -5.39 -13.82
CA LEU A 98 -6.74 -6.53 -14.72
C LEU A 98 -7.78 -7.60 -14.40
N LEU A 99 -7.99 -7.88 -13.12
CA LEU A 99 -8.99 -8.87 -12.71
C LEU A 99 -10.41 -8.44 -13.05
N ARG A 100 -10.71 -7.16 -12.89
CA ARG A 100 -12.02 -6.63 -13.28
C ARG A 100 -12.25 -6.76 -14.80
N LYS A 101 -11.23 -6.46 -15.60
CA LYS A 101 -11.33 -6.69 -17.06
C LYS A 101 -11.55 -8.17 -17.36
N GLN A 102 -10.76 -9.04 -16.72
CA GLN A 102 -10.87 -10.47 -16.96
C GLN A 102 -12.25 -10.93 -16.55
N ASN A 103 -12.78 -10.41 -15.45
CA ASN A 103 -14.08 -10.87 -15.00
C ASN A 103 -15.17 -10.36 -15.92
N GLU A 104 -15.02 -9.15 -16.48
CA GLU A 104 -16.01 -8.66 -17.43
C GLU A 104 -15.99 -9.49 -18.71
N GLN A 105 -14.80 -9.89 -19.14
CA GLN A 105 -14.68 -10.70 -20.34
CA GLN A 105 -14.67 -10.70 -20.35
C GLN A 105 -15.34 -12.07 -20.13
N LEU A 106 -15.24 -12.60 -18.93
CA LEU A 106 -15.84 -13.89 -18.60
C LEU A 106 -17.36 -13.78 -18.57
N LYS A 107 -17.87 -12.70 -17.99
CA LYS A 107 -19.33 -12.46 -17.94
C LYS A 107 -19.90 -12.27 -19.33
N HIS A 108 -19.11 -11.64 -20.20
CA HIS A 108 -19.50 -11.44 -21.58
C HIS A 108 -19.63 -12.79 -22.31
N LYS A 109 -18.67 -13.69 -22.08
CA LYS A 109 -18.71 -14.99 -22.70
C LYS A 109 -19.89 -15.79 -22.16
N LEU A 110 -20.17 -15.65 -20.87
CA LEU A 110 -21.30 -16.36 -20.27
C LEU A 110 -22.59 -15.87 -20.88
N GLU A 111 -22.71 -14.57 -21.11
CA GLU A 111 -23.88 -13.98 -21.76
C GLU A 111 -24.05 -14.47 -23.20
N GLN A 112 -22.95 -14.53 -23.95
CA GLN A 112 -22.98 -15.03 -25.30
C GLN A 112 -23.48 -16.48 -25.40
N LEU A 113 -22.99 -17.33 -24.49
CA LEU A 113 -23.43 -18.74 -24.46
C LEU A 113 -24.88 -18.84 -24.04
N ARG A 114 -25.28 -18.08 -23.02
CA ARG A 114 -26.68 -18.12 -22.62
C ARG A 114 -27.59 -17.72 -23.77
N ASN A 115 -27.16 -16.77 -24.58
CA ASN A 115 -27.95 -16.35 -25.73
C ASN A 115 -27.94 -17.32 -26.91
N SER A 116 -26.82 -18.00 -27.13
CA SER A 116 -26.65 -18.76 -28.37
C SER A 116 -26.70 -20.28 -28.21
N CYS A 117 -26.58 -20.80 -26.98
CA CYS A 117 -26.75 -22.23 -26.77
C CYS A 117 -28.23 -22.57 -26.90
N ALA A 118 -28.51 -23.84 -27.09
CA ALA A 118 -29.88 -24.34 -27.26
C ALA A 118 -30.71 -24.01 -26.03
N ARG B 45 26.18 13.86 9.33
CA ARG B 45 26.25 15.18 9.94
C ARG B 45 24.85 15.71 10.28
N ARG B 46 24.77 16.97 10.69
CA ARG B 46 23.48 17.58 11.01
C ARG B 46 22.82 18.19 9.78
N ASN B 47 23.62 18.52 8.75
CA ASN B 47 23.09 18.77 7.40
C ASN B 47 22.28 17.54 6.97
N GLU B 48 22.83 16.34 7.15
CA GLU B 48 22.13 15.14 6.68
C GLU B 48 20.86 14.85 7.49
N LEU B 49 20.88 15.17 8.78
CA LEU B 49 19.68 15.01 9.58
C LEU B 49 18.59 15.96 9.11
N LYS B 50 18.93 17.23 8.86
CA LYS B 50 17.92 18.18 8.35
C LYS B 50 17.40 17.74 7.00
N ARG B 51 18.32 17.40 6.11
CA ARG B 51 17.93 16.91 4.79
C ARG B 51 16.98 15.72 4.89
N SER B 52 17.27 14.80 5.77
CA SER B 52 16.46 13.60 5.89
C SER B 52 15.08 13.82 6.51
N PHE B 53 14.97 14.79 7.43
CA PHE B 53 13.67 15.21 7.95
C PHE B 53 12.79 15.81 6.85
N PHE B 54 13.39 16.65 6.00
CA PHE B 54 12.65 17.22 4.89
C PHE B 54 12.14 16.12 3.96
N ALA B 55 12.98 15.14 3.69
CA ALA B 55 12.64 14.13 2.69
C ALA B 55 11.54 13.21 3.25
N LEU B 56 11.59 12.93 4.55
CA LEU B 56 10.50 12.13 5.14
C LEU B 56 9.20 12.94 5.13
N ARG B 57 9.28 14.19 5.61
CA ARG B 57 8.12 15.09 5.62
C ARG B 57 7.41 15.11 4.25
N ASP B 58 8.20 15.16 3.20
CA ASP B 58 7.61 15.28 1.90
C ASP B 58 7.00 14.02 1.32
N GLN B 59 7.08 12.87 2.00
CA GLN B 59 6.30 11.70 1.61
C GLN B 59 4.98 11.61 2.36
N ILE B 60 4.75 12.54 3.29
CA ILE B 60 3.51 12.57 4.06
CA ILE B 60 3.51 12.56 4.06
C ILE B 60 2.58 13.61 3.45
N PRO B 61 1.50 13.16 2.80
CA PRO B 61 0.64 14.11 2.09
C PRO B 61 0.20 15.28 2.92
N GLU B 62 -0.10 15.07 4.19
CA GLU B 62 -0.62 16.14 5.02
C GLU B 62 0.46 17.17 5.35
N LEU B 63 1.73 16.79 5.23
CA LEU B 63 2.83 17.68 5.63
C LEU B 63 3.75 18.13 4.50
N GLU B 64 3.57 17.58 3.28
CA GLU B 64 4.46 17.87 2.16
CA GLU B 64 4.44 17.87 2.15
C GLU B 64 4.61 19.39 1.95
N ASN B 65 5.87 19.83 1.84
CA ASN B 65 6.24 21.25 1.65
C ASN B 65 5.70 22.23 2.68
N ASN B 66 5.46 21.74 3.90
CA ASN B 66 5.06 22.61 5.00
C ASN B 66 6.32 22.99 5.82
N GLU B 67 6.77 24.22 5.60
CA GLU B 67 8.01 24.73 6.20
C GLU B 67 7.91 24.90 7.72
N LYS B 68 6.70 24.83 8.26
CA LYS B 68 6.46 25.02 9.68
C LYS B 68 6.35 23.68 10.42
N ALA B 69 6.44 22.56 9.73
CA ALA B 69 6.31 21.26 10.39
C ALA B 69 7.52 20.92 11.28
N PRO B 70 7.31 20.75 12.60
CA PRO B 70 8.44 20.41 13.47
C PRO B 70 8.76 18.92 13.47
N LYS B 71 9.92 18.60 14.00
CA LYS B 71 10.41 17.20 13.99
C LYS B 71 9.47 16.19 14.61
N VAL B 72 8.97 16.45 15.81
CA VAL B 72 8.14 15.46 16.48
C VAL B 72 6.82 15.19 15.68
N VAL B 73 6.30 16.22 15.00
CA VAL B 73 5.10 16.10 14.20
C VAL B 73 5.40 15.24 12.97
N ILE B 74 6.53 15.49 12.32
CA ILE B 74 6.95 14.68 11.15
C ILE B 74 7.10 13.20 11.56
N LEU B 75 7.74 12.92 12.69
CA LEU B 75 7.91 11.54 13.12
C LEU B 75 6.56 10.84 13.40
N LYS B 76 5.68 11.52 14.15
CA LYS B 76 4.44 10.89 14.53
C LYS B 76 3.50 10.76 13.34
N LYS B 77 3.43 11.78 12.49
CA LYS B 77 2.56 11.70 11.31
C LYS B 77 3.11 10.75 10.27
N ALA B 78 4.42 10.54 10.21
CA ALA B 78 4.97 9.48 9.37
C ALA B 78 4.57 8.11 9.88
N THR B 79 4.66 7.92 11.19
CA THR B 79 4.26 6.66 11.80
C THR B 79 2.77 6.41 11.51
N ALA B 80 1.95 7.43 11.70
CA ALA B 80 0.52 7.33 11.42
C ALA B 80 0.26 7.01 9.95
N TYR B 81 1.04 7.61 9.06
CA TYR B 81 0.84 7.39 7.63
C TYR B 81 1.17 5.98 7.21
N ILE B 82 2.22 5.42 7.80
CA ILE B 82 2.56 4.03 7.53
C ILE B 82 1.42 3.11 7.92
N LEU B 83 0.83 3.36 9.08
CA LEU B 83 -0.30 2.52 9.51
C LEU B 83 -1.50 2.69 8.58
N SER B 84 -1.74 3.94 8.15
CA SER B 84 -2.88 4.26 7.25
C SER B 84 -2.73 3.62 5.88
N VAL B 85 -1.54 3.66 5.32
CA VAL B 85 -1.33 3.02 4.04
C VAL B 85 -1.37 1.48 4.16
N GLN B 86 -0.96 0.93 5.30
CA GLN B 86 -1.14 -0.51 5.52
C GLN B 86 -2.61 -0.90 5.55
N ALA B 87 -3.45 -0.05 6.13
CA ALA B 87 -4.88 -0.30 6.15
C ALA B 87 -5.42 -0.32 4.73
N GLU B 88 -4.95 0.64 3.92
CA GLU B 88 -5.38 0.70 2.52
C GLU B 88 -4.88 -0.51 1.75
N THR B 89 -3.66 -0.93 2.03
CA THR B 89 -3.13 -2.15 1.43
C THR B 89 -4.04 -3.34 1.76
N GLN B 90 -4.48 -3.45 3.01
CA GLN B 90 -5.34 -4.59 3.39
C GLN B 90 -6.65 -4.58 2.62
N LYS B 91 -7.22 -3.40 2.40
CA LYS B 91 -8.45 -3.28 1.63
C LYS B 91 -8.22 -3.74 0.20
N LEU B 92 -7.08 -3.37 -0.37
CA LEU B 92 -6.81 -3.75 -1.76
C LEU B 92 -6.63 -5.25 -1.88
N ILE B 93 -5.91 -5.81 -0.93
CA ILE B 93 -5.70 -7.24 -0.90
C ILE B 93 -7.03 -7.98 -0.78
N SER B 94 -7.92 -7.49 0.08
CA SER B 94 -9.26 -8.12 0.21
C SER B 94 -10.04 -8.01 -1.10
N GLU B 95 -9.92 -6.87 -1.77
CA GLU B 95 -10.56 -6.67 -3.06
C GLU B 95 -10.05 -7.66 -4.12
N ILE B 96 -8.73 -7.85 -4.17
CA ILE B 96 -8.12 -8.83 -5.08
C ILE B 96 -8.61 -10.26 -4.76
N ASP B 97 -8.61 -10.61 -3.48
CA ASP B 97 -9.06 -11.95 -3.08
C ASP B 97 -10.49 -12.23 -3.53
N LEU B 98 -11.35 -11.22 -3.41
CA LEU B 98 -12.74 -11.33 -3.82
C LEU B 98 -12.85 -11.47 -5.33
N LEU B 99 -12.10 -10.65 -6.06
CA LEU B 99 -12.11 -10.73 -7.52
C LEU B 99 -11.59 -12.07 -8.02
N ARG B 100 -10.57 -12.61 -7.36
CA ARG B 100 -10.04 -13.92 -7.76
C ARG B 100 -11.07 -15.02 -7.55
N LYS B 101 -11.76 -14.98 -6.43
CA LYS B 101 -12.83 -15.93 -6.13
C LYS B 101 -13.94 -15.82 -7.17
N GLN B 102 -14.29 -14.60 -7.54
CA GLN B 102 -15.32 -14.38 -8.56
C GLN B 102 -14.83 -14.90 -9.91
N ASN B 103 -13.57 -14.66 -10.21
CA ASN B 103 -12.93 -15.12 -11.43
C ASN B 103 -13.05 -16.64 -11.54
N GLU B 104 -12.73 -17.34 -10.44
CA GLU B 104 -12.79 -18.79 -10.41
C GLU B 104 -14.22 -19.30 -10.60
N GLN B 105 -15.17 -18.64 -9.98
CA GLN B 105 -16.57 -19.04 -10.08
C GLN B 105 -17.09 -18.85 -11.50
N LEU B 106 -16.74 -17.71 -12.11
CA LEU B 106 -17.12 -17.45 -13.50
C LEU B 106 -16.51 -18.49 -14.45
N LYS B 107 -15.23 -18.83 -14.27
CA LYS B 107 -14.59 -19.84 -15.10
C LYS B 107 -15.28 -21.19 -14.92
N HIS B 108 -15.71 -21.48 -13.69
CA HIS B 108 -16.43 -22.74 -13.43
C HIS B 108 -17.75 -22.73 -14.20
N LYS B 109 -18.50 -21.62 -14.12
CA LYS B 109 -19.78 -21.53 -14.84
C LYS B 109 -19.57 -21.56 -16.35
N LEU B 110 -18.48 -20.95 -16.83
CA LEU B 110 -18.21 -20.99 -18.26
C LEU B 110 -17.96 -22.44 -18.71
N GLU B 111 -17.20 -23.18 -17.93
CA GLU B 111 -16.95 -24.58 -18.29
C GLU B 111 -18.23 -25.39 -18.28
N GLN B 112 -19.06 -25.16 -17.27
CA GLN B 112 -20.32 -25.88 -17.17
C GLN B 112 -21.20 -25.63 -18.40
N LEU B 113 -21.33 -24.36 -18.80
CA LEU B 113 -22.21 -24.06 -19.93
C LEU B 113 -21.62 -24.57 -21.26
N ARG B 114 -20.32 -24.50 -21.41
CA ARG B 114 -19.69 -25.02 -22.64
C ARG B 114 -20.00 -26.50 -22.81
N ASN B 115 -20.12 -27.20 -21.69
CA ASN B 115 -20.41 -28.62 -21.68
C ASN B 115 -21.91 -28.90 -21.66
N SER B 116 -22.70 -27.84 -21.70
CA SER B 116 -24.16 -27.97 -21.61
C SER B 116 -24.91 -27.10 -22.64
N CYS B 117 -24.36 -27.02 -23.83
CA CYS B 117 -24.76 -26.02 -24.84
C CYS B 117 -25.77 -26.55 -25.87
N ALA B 118 -25.95 -27.86 -25.89
CA ALA B 118 -26.78 -28.49 -26.90
C ALA B 118 -28.18 -28.74 -26.35
#